data_3KR0
#
_entry.id   3KR0
#
_cell.length_a   94.303
_cell.length_b   94.303
_cell.length_c   188.517
_cell.angle_alpha   90.000
_cell.angle_beta   90.000
_cell.angle_gamma   90.000
#
_symmetry.space_group_name_H-M   'P 43 21 2'
#
loop_
_entity.id
_entity.type
_entity.pdbx_description
1 polymer 'Phenylethanolamine N-methyltransferase'
2 non-polymer S-ADENOSYL-L-HOMOCYSTEINE
3 non-polymer 2-AMINO-5-HYDROXY-BENZIMIDAZOLE
4 water water
#
_entity_poly.entity_id   1
_entity_poly.type   'polypeptide(L)'
_entity_poly.pdbx_seq_one_letter_code
;MSGADRSPNAGAAPDSAPGQAAVASAYQRFEPRAYLRNNYAPPRGDLCNPNGVGPWKLRCLAQTFATGEVSGRTLIDIGS
GPTVYQLLSACSHFEDITMTDFLEVNRQELGRWLQEEPGAFNWSMYSQHACLIEGKGECWQDKERQLRARVKRVLPIDVH
QPQPLGAGSPAPLPADALVSAFCLEAVSPDLASFQRALDHITTLLRPGGHLLLIGALEESWYLAGEARLTVVPVSEEEVR
EALVRSGYKVRDLRTYIMPAHLQTGVDDVKGVFFAWAQKVGLEHHHHHH
;
_entity_poly.pdbx_strand_id   A,B
#
loop_
_chem_comp.id
_chem_comp.type
_chem_comp.name
_chem_comp.formula
172 non-polymer 2-AMINO-5-HYDROXY-BENZIMIDAZOLE 'C7 H7 N3 O'
SAH non-polymer S-ADENOSYL-L-HOMOCYSTEINE 'C14 H20 N6 O5 S'
#
# COMPACT_ATOMS: atom_id res chain seq x y z
N ALA A 24 19.17 -28.16 -20.37
CA ALA A 24 20.05 -27.00 -20.22
C ALA A 24 19.97 -26.05 -21.41
N SER A 25 20.47 -26.50 -22.56
CA SER A 25 20.40 -25.71 -23.79
C SER A 25 18.99 -25.18 -24.01
N ALA A 26 18.00 -25.82 -23.39
CA ALA A 26 16.61 -25.35 -23.42
C ALA A 26 16.50 -23.91 -22.88
N TYR A 27 17.34 -23.60 -21.88
CA TYR A 27 17.39 -22.28 -21.25
C TYR A 27 17.93 -21.20 -22.16
N GLN A 28 18.37 -21.59 -23.35
CA GLN A 28 18.86 -20.62 -24.31
C GLN A 28 17.68 -19.93 -25.00
N ARG A 29 16.55 -20.63 -25.02
CA ARG A 29 15.33 -20.11 -25.64
C ARG A 29 14.42 -19.38 -24.62
N PHE A 30 14.80 -19.40 -23.35
CA PHE A 30 14.05 -18.81 -22.24
C PHE A 30 13.75 -17.31 -22.41
N GLU A 31 12.47 -16.97 -22.56
CA GLU A 31 12.00 -15.57 -22.67
C GLU A 31 11.53 -15.01 -21.31
N PRO A 32 12.31 -14.10 -20.71
CA PRO A 32 11.99 -13.56 -19.38
C PRO A 32 10.61 -12.87 -19.29
N ARG A 33 10.26 -12.06 -20.28
CA ARG A 33 8.95 -11.42 -20.28
C ARG A 33 7.83 -12.46 -20.24
N ALA A 34 7.98 -13.53 -21.01
CA ALA A 34 6.96 -14.56 -21.00
C ALA A 34 6.96 -15.34 -19.68
N TYR A 35 8.11 -15.41 -19.03
CA TYR A 35 8.17 -16.12 -17.74
C TYR A 35 7.45 -15.34 -16.65
N LEU A 36 7.73 -14.04 -16.58
CA LEU A 36 7.07 -13.11 -15.66
C LEU A 36 5.57 -13.07 -15.88
N ARG A 37 5.17 -12.87 -17.12
CA ARG A 37 3.78 -12.93 -17.51
C ARG A 37 3.09 -14.20 -17.04
N ASN A 38 3.81 -15.31 -17.06
CA ASN A 38 3.22 -16.62 -16.83
C ASN A 38 3.04 -16.89 -15.34
N ASN A 39 3.84 -16.20 -14.52
CA ASN A 39 3.90 -16.51 -13.09
C ASN A 39 3.67 -15.37 -12.13
N TYR A 40 3.87 -14.15 -12.61
CA TYR A 40 3.79 -13.02 -11.73
C TYR A 40 2.82 -11.95 -12.23
N ALA A 41 1.99 -12.33 -13.19
CA ALA A 41 0.88 -11.50 -13.62
C ALA A 41 -0.34 -12.33 -13.29
N PRO A 42 -1.52 -11.70 -13.30
CA PRO A 42 -2.73 -12.46 -12.91
C PRO A 42 -2.85 -13.65 -13.81
N PRO A 43 -3.42 -14.76 -13.31
CA PRO A 43 -4.03 -14.95 -11.98
C PRO A 43 -3.06 -15.22 -10.84
N ARG A 44 -1.91 -15.84 -11.11
CA ARG A 44 -0.98 -16.14 -10.03
C ARG A 44 -0.43 -14.87 -9.43
N GLY A 45 -0.39 -13.82 -10.25
CA GLY A 45 0.14 -12.54 -9.84
C GLY A 45 -0.84 -11.67 -9.06
N ASP A 46 -2.10 -12.08 -8.99
CA ASP A 46 -3.05 -11.30 -8.23
C ASP A 46 -2.86 -11.50 -6.72
N LEU A 47 -2.37 -10.47 -6.04
CA LEU A 47 -2.09 -10.59 -4.63
C LEU A 47 -3.29 -10.26 -3.74
N CYS A 48 -4.39 -9.84 -4.34
CA CYS A 48 -5.54 -9.41 -3.55
C CYS A 48 -6.06 -10.52 -2.66
N ASN A 49 -6.28 -11.70 -3.23
CA ASN A 49 -6.75 -12.86 -2.47
C ASN A 49 -5.64 -13.45 -1.61
N PRO A 50 -5.89 -13.56 -0.30
CA PRO A 50 -4.79 -13.98 0.59
C PRO A 50 -4.51 -15.49 0.50
N ASN A 51 -5.35 -16.22 -0.23
CA ASN A 51 -5.18 -17.65 -0.41
C ASN A 51 -4.38 -18.02 -1.65
N GLY A 52 -3.85 -17.02 -2.33
CA GLY A 52 -3.08 -17.27 -3.53
C GLY A 52 -1.64 -17.66 -3.24
N VAL A 53 -0.95 -18.10 -4.28
CA VAL A 53 0.43 -18.53 -4.12
C VAL A 53 1.36 -17.38 -3.76
N GLY A 54 1.21 -16.26 -4.46
CA GLY A 54 2.01 -15.07 -4.17
C GLY A 54 1.98 -14.63 -2.71
N PRO A 55 0.77 -14.37 -2.19
CA PRO A 55 0.63 -14.01 -0.78
C PRO A 55 1.30 -15.04 0.16
N TRP A 56 1.10 -16.31 -0.13
CA TRP A 56 1.70 -17.41 0.64
C TRP A 56 3.23 -17.31 0.64
N LYS A 57 3.80 -17.14 -0.55
CA LYS A 57 5.24 -17.06 -0.65
C LYS A 57 5.82 -15.91 0.17
N LEU A 58 5.26 -14.71 0.00
CA LEU A 58 5.77 -13.53 0.72
C LEU A 58 5.68 -13.71 2.22
N ARG A 59 4.67 -14.46 2.65
CA ARG A 59 4.42 -14.65 4.04
C ARG A 59 5.49 -15.54 4.68
N CYS A 60 5.93 -16.58 3.98
CA CYS A 60 6.93 -17.50 4.55
C CYS A 60 8.20 -16.71 4.71
N LEU A 61 8.49 -15.93 3.68
CA LEU A 61 9.68 -15.12 3.68
C LEU A 61 9.64 -14.17 4.85
N ALA A 62 8.62 -13.32 4.87
CA ALA A 62 8.42 -12.34 5.95
C ALA A 62 8.45 -12.97 7.34
N GLN A 63 7.64 -14.00 7.54
CA GLN A 63 7.56 -14.63 8.84
C GLN A 63 8.93 -15.04 9.33
N THR A 64 9.69 -15.69 8.45
CA THR A 64 11.00 -16.24 8.79
C THR A 64 11.98 -15.17 9.25
N PHE A 65 12.14 -14.14 8.43
CA PHE A 65 12.96 -13.01 8.82
C PHE A 65 12.43 -12.30 10.07
N ALA A 66 11.12 -12.26 10.25
CA ALA A 66 10.54 -11.55 11.40
C ALA A 66 10.96 -12.18 12.71
N THR A 67 11.45 -13.42 12.63
CA THR A 67 11.93 -14.14 13.81
C THR A 67 13.22 -13.53 14.34
N GLY A 68 13.97 -12.88 13.45
CA GLY A 68 15.22 -12.26 13.84
C GLY A 68 16.40 -13.21 13.84
N GLU A 69 16.14 -14.48 13.55
CA GLU A 69 17.19 -15.50 13.63
C GLU A 69 18.01 -15.66 12.35
N VAL A 70 17.56 -15.03 11.27
CA VAL A 70 18.28 -15.08 10.01
C VAL A 70 18.90 -13.71 9.67
N SER A 71 20.09 -13.47 10.20
CA SER A 71 20.71 -12.16 10.05
C SER A 71 22.21 -12.23 9.77
N GLY A 72 22.74 -11.16 9.20
CA GLY A 72 24.13 -11.10 8.79
C GLY A 72 24.40 -9.88 7.94
N ARG A 73 25.55 -9.86 7.27
CA ARG A 73 25.94 -8.70 6.49
C ARG A 73 25.76 -8.92 5.00
N THR A 74 26.03 -10.16 4.56
CA THR A 74 25.97 -10.50 3.14
C THR A 74 25.02 -11.66 2.86
N LEU A 75 24.43 -11.62 1.67
CA LEU A 75 23.44 -12.59 1.26
C LEU A 75 23.49 -12.79 -0.25
N ILE A 76 23.21 -14.01 -0.70
CA ILE A 76 23.23 -14.32 -2.12
C ILE A 76 21.92 -14.96 -2.58
N ASP A 77 21.38 -14.47 -3.68
CA ASP A 77 20.14 -15.00 -4.23
C ASP A 77 20.54 -15.86 -5.41
N ILE A 78 20.22 -17.15 -5.33
CA ILE A 78 20.73 -18.15 -6.25
C ILE A 78 19.74 -18.37 -7.36
N GLY A 79 20.11 -17.97 -8.57
CA GLY A 79 19.23 -18.19 -9.70
C GLY A 79 18.00 -17.31 -9.60
N SER A 80 18.24 -16.00 -9.60
CA SER A 80 17.23 -15.00 -9.35
C SER A 80 16.24 -14.94 -10.49
N GLY A 81 16.70 -15.30 -11.68
CA GLY A 81 15.92 -15.04 -12.87
C GLY A 81 15.67 -13.55 -12.95
N PRO A 82 14.52 -13.17 -13.52
CA PRO A 82 14.16 -11.76 -13.66
C PRO A 82 13.20 -11.31 -12.57
N THR A 83 13.35 -11.83 -11.36
CA THR A 83 12.42 -11.51 -10.30
C THR A 83 13.12 -11.02 -9.04
N VAL A 84 12.40 -10.26 -8.21
CA VAL A 84 12.99 -9.64 -7.01
C VAL A 84 12.17 -9.87 -5.73
N TYR A 85 10.92 -10.27 -5.91
CA TYR A 85 10.01 -10.44 -4.77
C TYR A 85 10.67 -11.24 -3.68
N GLN A 86 11.49 -12.21 -4.07
CA GLN A 86 12.07 -13.17 -3.13
C GLN A 86 13.04 -12.51 -2.16
N LEU A 87 13.35 -11.23 -2.37
CA LEU A 87 14.29 -10.49 -1.51
C LEU A 87 13.67 -9.36 -0.67
N LEU A 88 12.38 -9.07 -0.90
CA LEU A 88 11.72 -7.92 -0.28
C LEU A 88 11.85 -7.90 1.23
N SER A 89 11.35 -8.91 1.92
CA SER A 89 11.47 -8.94 3.38
C SER A 89 12.92 -9.13 3.78
N ALA A 90 13.70 -9.70 2.88
CA ALA A 90 15.07 -10.08 3.22
C ALA A 90 15.95 -8.85 3.30
N CYS A 91 15.76 -7.92 2.36
CA CYS A 91 16.70 -6.81 2.15
C CYS A 91 16.89 -5.89 3.36
N SER A 92 16.00 -5.98 4.33
CA SER A 92 16.13 -5.16 5.53
C SER A 92 17.04 -5.80 6.56
N HIS A 93 17.51 -7.02 6.30
CA HIS A 93 18.37 -7.72 7.26
C HIS A 93 19.81 -7.93 6.81
N PHE A 94 20.12 -7.58 5.57
CA PHE A 94 21.45 -7.80 4.99
C PHE A 94 21.87 -6.62 4.11
N GLU A 95 22.98 -6.00 4.44
CA GLU A 95 23.41 -4.77 3.77
C GLU A 95 24.12 -5.01 2.44
N ASP A 96 24.67 -6.20 2.26
CA ASP A 96 25.31 -6.54 0.99
C ASP A 96 24.59 -7.71 0.33
N ILE A 97 23.84 -7.41 -0.72
CA ILE A 97 23.03 -8.42 -1.36
C ILE A 97 23.55 -8.67 -2.75
N THR A 98 23.76 -9.94 -3.07
CA THR A 98 24.26 -10.34 -4.37
C THR A 98 23.19 -11.15 -5.05
N MET A 99 22.88 -10.79 -6.28
CA MET A 99 21.90 -11.53 -7.04
C MET A 99 22.62 -12.26 -8.17
N THR A 100 22.05 -13.39 -8.59
CA THR A 100 22.67 -14.17 -9.64
C THR A 100 21.68 -14.70 -10.68
N ASP A 101 22.19 -15.04 -11.87
CA ASP A 101 21.48 -15.96 -12.74
C ASP A 101 22.36 -16.48 -13.86
N PHE A 102 21.98 -17.63 -14.38
CA PHE A 102 22.72 -18.30 -15.43
C PHE A 102 22.58 -17.59 -16.79
N LEU A 103 21.49 -16.86 -16.99
CA LEU A 103 21.25 -16.24 -18.29
C LEU A 103 21.61 -14.75 -18.30
N GLU A 104 22.32 -14.31 -19.33
CA GLU A 104 22.52 -12.88 -19.55
C GLU A 104 21.18 -12.11 -19.62
N VAL A 105 20.26 -12.60 -20.43
CA VAL A 105 18.96 -11.94 -20.61
C VAL A 105 18.28 -11.57 -19.28
N ASN A 106 18.23 -12.53 -18.36
CA ASN A 106 17.69 -12.27 -17.04
C ASN A 106 18.47 -11.21 -16.28
N ARG A 107 19.79 -11.32 -16.25
CA ARG A 107 20.61 -10.33 -15.56
C ARG A 107 20.33 -8.92 -16.12
N GLN A 108 20.11 -8.85 -17.43
CA GLN A 108 19.82 -7.57 -18.06
C GLN A 108 18.47 -7.04 -17.63
N GLU A 109 17.55 -7.95 -17.35
CA GLU A 109 16.18 -7.59 -16.94
C GLU A 109 16.15 -7.12 -15.47
N LEU A 110 16.87 -7.82 -14.60
CA LEU A 110 17.05 -7.36 -13.23
C LEU A 110 17.62 -5.93 -13.18
N GLY A 111 18.53 -5.63 -14.09
CA GLY A 111 19.19 -4.35 -14.08
C GLY A 111 18.23 -3.26 -14.50
N ARG A 112 17.32 -3.61 -15.40
CA ARG A 112 16.32 -2.66 -15.80
C ARG A 112 15.46 -2.19 -14.62
N TRP A 113 15.20 -3.07 -13.68
CA TRP A 113 14.41 -2.70 -12.51
C TRP A 113 15.29 -2.10 -11.43
N LEU A 114 16.51 -2.58 -11.30
CA LEU A 114 17.40 -2.02 -10.30
C LEU A 114 17.77 -0.57 -10.64
N GLN A 115 17.99 -0.31 -11.91
CA GLN A 115 18.43 1.01 -12.35
C GLN A 115 17.22 1.83 -12.76
N GLU A 116 16.03 1.30 -12.47
CA GLU A 116 14.79 1.96 -12.84
C GLU A 116 14.73 2.36 -14.31
N GLU A 117 15.52 1.69 -15.14
CA GLU A 117 15.54 1.97 -16.57
C GLU A 117 14.17 1.71 -17.19
N PRO A 118 14.01 2.09 -18.47
CA PRO A 118 12.72 1.94 -19.15
C PRO A 118 12.31 0.49 -19.34
N GLY A 119 11.02 0.21 -19.20
CA GLY A 119 10.47 -1.11 -19.47
C GLY A 119 10.74 -2.13 -18.39
N ALA A 120 11.14 -1.67 -17.22
CA ALA A 120 11.35 -2.57 -16.12
C ALA A 120 10.03 -3.25 -15.83
N PHE A 121 10.09 -4.31 -15.03
CA PHE A 121 8.88 -5.00 -14.62
C PHE A 121 8.33 -4.25 -13.42
N ASN A 122 7.01 -4.26 -13.32
CA ASN A 122 6.35 -3.61 -12.20
C ASN A 122 6.16 -4.51 -10.98
N TRP A 123 7.09 -4.40 -10.04
CA TRP A 123 6.99 -5.19 -8.83
C TRP A 123 6.18 -4.53 -7.70
N SER A 124 5.56 -3.38 -7.99
CA SER A 124 5.02 -2.52 -6.94
C SER A 124 3.92 -3.18 -6.10
N MET A 125 3.04 -3.96 -6.73
CA MET A 125 2.07 -4.78 -5.96
C MET A 125 2.72 -5.69 -4.92
N TYR A 126 3.87 -6.28 -5.30
CA TYR A 126 4.62 -7.21 -4.46
C TYR A 126 5.31 -6.46 -3.32
N SER A 127 5.91 -5.32 -3.64
CA SER A 127 6.45 -4.40 -2.62
C SER A 127 5.41 -4.03 -1.58
N GLN A 128 4.26 -3.54 -2.05
CA GLN A 128 3.20 -3.13 -1.16
C GLN A 128 2.83 -4.27 -0.25
N HIS A 129 2.52 -5.41 -0.84
CA HIS A 129 2.09 -6.53 -0.01
C HIS A 129 3.14 -6.97 0.96
N ALA A 130 4.41 -6.89 0.58
CA ALA A 130 5.45 -7.24 1.54
C ALA A 130 5.35 -6.29 2.71
N CYS A 131 5.17 -5.00 2.41
CA CYS A 131 4.97 -3.98 3.44
C CYS A 131 3.74 -4.28 4.29
N LEU A 132 2.65 -4.62 3.62
CA LEU A 132 1.43 -5.03 4.29
C LEU A 132 1.71 -6.17 5.28
N ILE A 133 2.29 -7.26 4.78
CA ILE A 133 2.57 -8.46 5.59
C ILE A 133 3.53 -8.18 6.75
N GLU A 134 4.61 -7.48 6.48
CA GLU A 134 5.57 -7.17 7.53
C GLU A 134 4.93 -6.34 8.65
N GLY A 135 4.09 -5.38 8.28
CA GLY A 135 3.38 -4.57 9.26
C GLY A 135 4.26 -3.64 10.08
N LYS A 136 5.16 -2.94 9.40
CA LYS A 136 5.99 -1.98 10.10
C LYS A 136 5.63 -0.59 9.59
N GLY A 137 4.45 -0.50 8.97
CA GLY A 137 3.99 0.75 8.40
C GLY A 137 4.93 1.37 7.38
N GLU A 138 5.71 0.54 6.68
CA GLU A 138 6.66 1.06 5.70
C GLU A 138 5.95 1.28 4.38
N CYS A 139 6.38 2.28 3.63
CA CYS A 139 5.77 2.51 2.33
C CYS A 139 6.54 1.69 1.32
N TRP A 140 5.82 1.19 0.32
CA TRP A 140 6.45 0.34 -0.65
C TRP A 140 7.59 1.02 -1.38
N GLN A 141 7.54 2.34 -1.52
CA GLN A 141 8.66 3.02 -2.18
C GLN A 141 9.93 2.94 -1.35
N ASP A 142 9.78 2.96 -0.04
CA ASP A 142 10.94 2.91 0.83
C ASP A 142 11.54 1.52 0.72
N LYS A 143 10.66 0.55 0.54
CA LYS A 143 11.04 -0.85 0.49
C LYS A 143 11.85 -1.09 -0.78
N GLU A 144 11.35 -0.58 -1.92
CA GLU A 144 12.05 -0.75 -3.19
C GLU A 144 13.35 0.02 -3.22
N ARG A 145 13.35 1.15 -2.53
CA ARG A 145 14.56 1.97 -2.42
C ARG A 145 15.65 1.18 -1.68
N GLN A 146 15.26 0.46 -0.62
CA GLN A 146 16.22 -0.27 0.22
C GLN A 146 16.79 -1.47 -0.50
N LEU A 147 15.91 -2.21 -1.15
CA LEU A 147 16.34 -3.31 -1.98
C LEU A 147 17.36 -2.81 -3.00
N ARG A 148 16.93 -1.92 -3.89
CA ARG A 148 17.80 -1.39 -4.94
C ARG A 148 19.14 -0.90 -4.41
N ALA A 149 19.15 -0.50 -3.14
CA ALA A 149 20.34 0.09 -2.54
C ALA A 149 21.31 -0.98 -2.06
N ARG A 150 20.76 -2.08 -1.56
CA ARG A 150 21.55 -3.13 -0.93
C ARG A 150 22.06 -4.20 -1.92
N VAL A 151 21.36 -4.37 -3.03
CA VAL A 151 21.85 -5.17 -4.13
C VAL A 151 23.04 -4.48 -4.75
N LYS A 152 24.22 -5.03 -4.50
CA LYS A 152 25.47 -4.45 -4.97
C LYS A 152 25.82 -4.90 -6.39
N ARG A 153 25.51 -6.15 -6.71
CA ARG A 153 25.95 -6.76 -7.96
C ARG A 153 25.02 -7.85 -8.47
N VAL A 154 24.96 -7.98 -9.79
CA VAL A 154 24.23 -9.08 -10.42
C VAL A 154 25.21 -9.97 -11.20
N LEU A 155 25.48 -11.17 -10.67
CA LEU A 155 26.52 -12.08 -11.19
C LEU A 155 25.99 -13.33 -11.87
N PRO A 156 26.66 -13.74 -12.95
CA PRO A 156 26.39 -15.04 -13.59
C PRO A 156 26.77 -16.18 -12.66
N ILE A 157 26.12 -17.31 -12.84
CA ILE A 157 26.27 -18.43 -11.95
C ILE A 157 25.80 -19.70 -12.65
N ASP A 158 26.40 -20.83 -12.29
CA ASP A 158 25.99 -22.15 -12.76
C ASP A 158 26.05 -23.10 -11.57
N VAL A 159 24.88 -23.53 -11.10
CA VAL A 159 24.84 -24.38 -9.91
C VAL A 159 25.45 -25.75 -10.16
N HIS A 160 25.61 -26.07 -11.44
CA HIS A 160 26.19 -27.33 -11.82
C HIS A 160 27.71 -27.37 -11.56
N GLN A 161 28.30 -26.20 -11.37
CA GLN A 161 29.72 -26.08 -11.10
C GLN A 161 29.97 -26.19 -9.61
N PRO A 162 30.97 -27.00 -9.21
CA PRO A 162 31.33 -27.15 -7.79
C PRO A 162 31.75 -25.82 -7.17
N GLN A 163 32.11 -24.86 -8.03
CA GLN A 163 32.24 -23.46 -7.62
C GLN A 163 31.35 -22.59 -8.50
N PRO A 164 30.05 -22.54 -8.15
CA PRO A 164 28.99 -22.01 -9.01
C PRO A 164 29.21 -20.56 -9.41
N LEU A 165 29.90 -19.81 -8.55
CA LEU A 165 30.16 -18.40 -8.82
C LEU A 165 31.41 -18.19 -9.63
N GLY A 166 32.26 -19.21 -9.65
CA GLY A 166 33.54 -19.14 -10.32
C GLY A 166 34.67 -18.98 -9.33
N ALA A 167 35.81 -18.49 -9.83
CA ALA A 167 37.02 -18.43 -9.04
C ALA A 167 37.13 -17.13 -8.22
N GLY A 168 37.36 -16.03 -8.92
CA GLY A 168 37.53 -14.74 -8.29
C GLY A 168 36.26 -13.90 -8.39
N SER A 169 35.19 -14.44 -7.81
CA SER A 169 33.90 -13.76 -7.83
C SER A 169 33.96 -12.58 -6.88
N PRO A 170 33.40 -11.45 -7.32
CA PRO A 170 33.33 -10.19 -6.56
C PRO A 170 32.47 -10.34 -5.30
N ALA A 171 31.65 -11.39 -5.29
CA ALA A 171 30.77 -11.68 -4.15
C ALA A 171 31.55 -12.04 -2.88
N PRO A 172 31.24 -11.34 -1.78
CA PRO A 172 31.88 -11.66 -0.50
C PRO A 172 31.53 -13.08 -0.09
N LEU A 173 32.53 -13.94 0.04
CA LEU A 173 32.29 -15.33 0.45
C LEU A 173 33.07 -15.63 1.73
N PRO A 174 32.52 -16.52 2.58
CA PRO A 174 31.21 -17.14 2.34
C PRO A 174 30.09 -16.21 2.79
N ALA A 175 28.93 -16.38 2.18
CA ALA A 175 27.77 -15.53 2.48
C ALA A 175 27.18 -15.90 3.83
N ASP A 176 26.56 -14.94 4.50
CA ASP A 176 25.93 -15.18 5.78
C ASP A 176 24.64 -15.97 5.61
N ALA A 177 24.04 -15.88 4.43
CA ALA A 177 22.80 -16.62 4.15
C ALA A 177 22.53 -16.70 2.66
N LEU A 178 21.69 -17.66 2.29
CA LEU A 178 21.34 -17.90 0.88
C LEU A 178 19.83 -17.95 0.64
N VAL A 179 19.41 -17.45 -0.51
CA VAL A 179 18.02 -17.58 -0.91
C VAL A 179 17.97 -18.13 -2.33
N SER A 180 17.15 -19.16 -2.56
CA SER A 180 16.91 -19.63 -3.92
C SER A 180 15.48 -20.06 -4.07
N ALA A 181 14.88 -19.66 -5.19
CA ALA A 181 13.48 -19.96 -5.49
C ALA A 181 13.27 -20.46 -6.91
N PHE A 182 12.61 -21.61 -7.04
CA PHE A 182 12.30 -22.18 -8.36
C PHE A 182 13.53 -22.31 -9.24
N CYS A 183 14.69 -22.61 -8.64
CA CYS A 183 15.92 -22.82 -9.41
C CYS A 183 16.33 -24.28 -9.55
N LEU A 184 16.95 -24.82 -8.50
CA LEU A 184 17.50 -26.18 -8.51
C LEU A 184 16.64 -27.20 -9.26
N GLU A 185 15.46 -27.51 -8.75
CA GLU A 185 14.58 -28.47 -9.42
C GLU A 185 14.27 -28.08 -10.86
N ALA A 186 14.50 -26.82 -11.20
CA ALA A 186 14.15 -26.36 -12.53
C ALA A 186 15.32 -26.52 -13.50
N VAL A 187 16.52 -26.67 -12.95
CA VAL A 187 17.73 -26.84 -13.75
C VAL A 187 18.34 -28.25 -13.58
N SER A 188 17.59 -29.17 -12.98
CA SER A 188 18.08 -30.49 -12.64
C SER A 188 17.23 -31.59 -13.27
N PRO A 189 17.85 -32.46 -14.09
CA PRO A 189 17.20 -33.55 -14.85
C PRO A 189 16.61 -34.64 -13.94
N ASP A 190 17.17 -34.80 -12.75
CA ASP A 190 16.75 -35.86 -11.86
C ASP A 190 17.17 -35.56 -10.43
N LEU A 191 16.74 -36.44 -9.54
CA LEU A 191 16.96 -36.24 -8.12
C LEU A 191 18.43 -36.01 -7.73
N ALA A 192 19.36 -36.76 -8.32
CA ALA A 192 20.74 -36.67 -7.86
C ALA A 192 21.37 -35.37 -8.31
N SER A 193 21.04 -34.93 -9.52
CA SER A 193 21.64 -33.69 -10.02
C SER A 193 21.15 -32.54 -9.14
N PHE A 194 19.90 -32.68 -8.68
CA PHE A 194 19.33 -31.77 -7.72
C PHE A 194 20.19 -31.76 -6.46
N GLN A 195 20.45 -32.94 -5.93
CA GLN A 195 21.23 -33.08 -4.69
C GLN A 195 22.64 -32.51 -4.81
N ARG A 196 23.25 -32.67 -5.98
CA ARG A 196 24.58 -32.12 -6.17
C ARG A 196 24.54 -30.60 -6.22
N ALA A 197 23.64 -30.08 -7.04
CA ALA A 197 23.45 -28.63 -7.16
C ALA A 197 23.27 -27.99 -5.77
N LEU A 198 22.47 -28.63 -4.92
CA LEU A 198 22.30 -28.17 -3.57
C LEU A 198 23.63 -28.21 -2.81
N ASP A 199 24.38 -29.27 -3.02
CA ASP A 199 25.70 -29.39 -2.43
C ASP A 199 26.62 -28.28 -2.93
N HIS A 200 26.57 -28.00 -4.23
CA HIS A 200 27.45 -26.97 -4.78
C HIS A 200 27.22 -25.60 -4.15
N ILE A 201 25.96 -25.19 -4.10
CA ILE A 201 25.63 -23.88 -3.56
C ILE A 201 25.94 -23.86 -2.07
N THR A 202 25.63 -24.96 -1.38
CA THR A 202 25.87 -25.02 0.05
C THR A 202 27.30 -24.62 0.42
N THR A 203 28.20 -24.74 -0.53
CA THR A 203 29.61 -24.44 -0.27
C THR A 203 29.78 -22.94 -0.12
N LEU A 204 28.89 -22.20 -0.78
CA LEU A 204 28.87 -20.73 -0.73
C LEU A 204 28.42 -20.20 0.64
N LEU A 205 27.81 -21.08 1.43
CA LEU A 205 27.21 -20.69 2.69
C LEU A 205 28.11 -20.95 3.90
N ARG A 206 28.50 -19.87 4.58
CA ARG A 206 29.23 -19.96 5.84
C ARG A 206 28.52 -20.91 6.80
N PRO A 207 29.29 -21.76 7.50
CA PRO A 207 28.67 -22.65 8.49
C PRO A 207 27.93 -21.84 9.56
N GLY A 208 26.75 -22.31 9.92
CA GLY A 208 25.90 -21.58 10.84
C GLY A 208 24.92 -20.74 10.05
N GLY A 209 25.30 -20.43 8.82
CA GLY A 209 24.46 -19.63 7.93
C GLY A 209 23.09 -20.22 7.67
N HIS A 210 22.26 -19.50 6.93
CA HIS A 210 20.89 -19.95 6.70
C HIS A 210 20.55 -20.03 5.23
N LEU A 211 19.69 -20.98 4.91
CA LEU A 211 19.23 -21.14 3.54
C LEU A 211 17.72 -21.12 3.53
N LEU A 212 17.18 -20.27 2.67
CA LEU A 212 15.74 -20.19 2.49
C LEU A 212 15.48 -20.65 1.09
N LEU A 213 14.88 -21.83 0.96
CA LEU A 213 14.68 -22.41 -0.37
C LEU A 213 13.21 -22.62 -0.67
N ILE A 214 12.80 -22.18 -1.85
CA ILE A 214 11.41 -22.27 -2.34
C ILE A 214 11.39 -22.95 -3.70
N GLY A 215 10.42 -23.81 -3.94
CA GLY A 215 10.35 -24.37 -5.28
C GLY A 215 9.09 -25.13 -5.56
N ALA A 216 8.97 -25.61 -6.80
CA ALA A 216 7.81 -26.37 -7.22
C ALA A 216 7.83 -27.81 -6.68
N LEU A 217 6.65 -28.34 -6.39
CA LEU A 217 6.50 -29.71 -5.92
C LEU A 217 5.86 -30.52 -7.04
N GLU A 218 6.46 -31.66 -7.35
CA GLU A 218 5.89 -32.60 -8.29
C GLU A 218 5.65 -31.94 -9.62
N GLU A 219 6.55 -31.04 -9.99
CA GLU A 219 6.50 -30.39 -11.29
C GLU A 219 7.48 -31.10 -12.22
N SER A 220 7.12 -31.22 -13.49
CA SER A 220 7.99 -31.86 -14.45
C SER A 220 8.38 -30.98 -15.65
N TRP A 221 7.52 -30.04 -16.00
CA TRP A 221 7.85 -29.08 -17.07
C TRP A 221 7.20 -27.73 -16.83
N TYR A 222 7.67 -26.73 -17.55
CA TYR A 222 7.07 -25.40 -17.51
C TYR A 222 7.57 -24.57 -18.68
N LEU A 223 6.70 -23.72 -19.22
CA LEU A 223 7.02 -22.92 -20.40
C LEU A 223 7.57 -21.55 -20.06
N ALA A 224 8.37 -20.99 -20.96
CA ALA A 224 8.88 -19.63 -20.85
C ALA A 224 9.01 -19.10 -22.26
N GLY A 225 7.87 -19.03 -22.93
CA GLY A 225 7.84 -18.52 -24.28
C GLY A 225 8.07 -19.67 -25.22
N GLU A 226 9.07 -19.51 -26.09
CA GLU A 226 9.42 -20.54 -27.05
C GLU A 226 10.19 -21.65 -26.33
N ALA A 227 10.70 -21.35 -25.14
CA ALA A 227 11.41 -22.35 -24.34
C ALA A 227 10.43 -23.30 -23.66
N ARG A 228 10.87 -24.54 -23.45
CA ARG A 228 10.05 -25.55 -22.77
C ARG A 228 10.97 -26.36 -21.87
N LEU A 229 11.05 -25.93 -20.61
CA LEU A 229 12.01 -26.49 -19.67
C LEU A 229 11.49 -27.76 -19.04
N THR A 230 12.42 -28.66 -18.75
CA THR A 230 12.09 -29.89 -18.05
C THR A 230 12.40 -29.67 -16.57
N VAL A 231 11.69 -30.39 -15.72
CA VAL A 231 11.86 -30.23 -14.29
C VAL A 231 11.88 -31.61 -13.67
N VAL A 232 12.60 -31.76 -12.57
CA VAL A 232 12.52 -32.98 -11.77
C VAL A 232 11.43 -32.85 -10.71
N PRO A 233 10.38 -33.67 -10.83
CA PRO A 233 9.29 -33.71 -9.85
C PRO A 233 9.81 -34.12 -8.48
N VAL A 234 9.89 -33.18 -7.54
CA VAL A 234 10.30 -33.56 -6.20
C VAL A 234 9.13 -33.59 -5.24
N SER A 235 9.37 -34.02 -4.00
CA SER A 235 8.33 -34.08 -3.00
C SER A 235 8.81 -33.39 -1.73
N GLU A 236 7.90 -33.13 -0.81
CA GLU A 236 8.33 -32.52 0.44
C GLU A 236 9.40 -33.34 1.16
N GLU A 237 9.14 -34.63 1.37
CA GLU A 237 10.12 -35.54 1.97
C GLU A 237 11.43 -35.56 1.20
N GLU A 238 11.33 -35.70 -0.13
CA GLU A 238 12.52 -35.73 -0.97
C GLU A 238 13.38 -34.49 -0.75
N VAL A 239 12.72 -33.34 -0.67
CA VAL A 239 13.38 -32.07 -0.43
C VAL A 239 13.97 -32.06 0.97
N ARG A 240 13.22 -32.55 1.95
CA ARG A 240 13.74 -32.60 3.30
C ARG A 240 15.06 -33.39 3.30
N GLU A 241 14.97 -34.67 2.92
CA GLU A 241 16.11 -35.58 2.90
C GLU A 241 17.33 -34.94 2.22
N ALA A 242 17.11 -34.32 1.07
CA ALA A 242 18.19 -33.63 0.37
C ALA A 242 18.92 -32.60 1.24
N LEU A 243 18.14 -31.84 2.00
CA LEU A 243 18.71 -30.78 2.83
C LEU A 243 19.53 -31.39 3.94
N VAL A 244 19.00 -32.43 4.56
CA VAL A 244 19.75 -33.17 5.56
C VAL A 244 21.05 -33.71 4.96
N ARG A 245 20.92 -34.41 3.83
CA ARG A 245 22.07 -34.96 3.15
C ARG A 245 23.12 -33.90 2.88
N SER A 246 22.68 -32.68 2.56
CA SER A 246 23.64 -31.61 2.25
C SER A 246 24.28 -31.01 3.50
N GLY A 247 23.82 -31.44 4.67
CA GLY A 247 24.34 -30.93 5.92
C GLY A 247 23.56 -29.81 6.57
N TYR A 248 22.24 -29.77 6.34
CA TYR A 248 21.40 -28.75 6.96
C TYR A 248 20.55 -29.31 8.10
N LYS A 249 20.34 -28.50 9.13
CA LYS A 249 19.22 -28.72 10.05
C LYS A 249 17.98 -28.01 9.45
N VAL A 250 16.91 -28.75 9.24
CA VAL A 250 15.71 -28.16 8.70
C VAL A 250 14.87 -27.50 9.79
N ARG A 251 14.87 -26.17 9.79
CA ARG A 251 14.13 -25.43 10.81
C ARG A 251 12.64 -25.32 10.47
N ASP A 252 12.33 -25.16 9.18
CA ASP A 252 10.95 -25.08 8.76
C ASP A 252 10.80 -25.62 7.33
N LEU A 253 9.70 -26.32 7.09
CA LEU A 253 9.40 -26.83 5.76
C LEU A 253 7.90 -26.90 5.60
N ARG A 254 7.34 -26.05 4.74
CA ARG A 254 5.88 -25.91 4.58
C ARG A 254 5.48 -26.11 3.13
N THR A 255 4.25 -26.53 2.92
CA THR A 255 3.77 -26.78 1.57
C THR A 255 2.46 -26.11 1.28
N TYR A 256 2.39 -25.54 0.09
CA TYR A 256 1.21 -24.87 -0.39
C TYR A 256 0.70 -25.73 -1.53
N ILE A 257 -0.54 -26.18 -1.45
CA ILE A 257 -1.11 -26.96 -2.54
C ILE A 257 -1.78 -26.04 -3.55
N MET A 258 -1.44 -26.20 -4.83
CA MET A 258 -1.85 -25.27 -5.87
C MET A 258 -3.33 -25.38 -6.21
N PRO A 259 -4.10 -24.33 -5.96
CA PRO A 259 -5.55 -24.44 -6.19
C PRO A 259 -5.84 -24.59 -7.67
N ALA A 260 -6.97 -25.19 -7.98
CA ALA A 260 -7.36 -25.36 -9.37
C ALA A 260 -7.15 -24.09 -10.20
N HIS A 261 -7.77 -22.99 -9.79
CA HIS A 261 -7.74 -21.76 -10.60
C HIS A 261 -6.33 -21.20 -10.81
N LEU A 262 -5.34 -21.70 -10.08
CA LEU A 262 -3.97 -21.32 -10.36
C LEU A 262 -3.23 -22.34 -11.25
N GLN A 263 -3.93 -23.37 -11.73
CA GLN A 263 -3.41 -24.28 -12.75
C GLN A 263 -3.72 -23.70 -14.11
N THR A 264 -2.68 -23.25 -14.80
CA THR A 264 -2.93 -22.39 -15.93
C THR A 264 -2.40 -22.92 -17.24
N GLY A 265 -1.83 -24.12 -17.26
CA GLY A 265 -1.30 -24.61 -18.53
C GLY A 265 -0.01 -23.95 -18.98
N VAL A 266 0.64 -23.20 -18.08
CA VAL A 266 2.00 -22.74 -18.32
C VAL A 266 2.95 -23.73 -17.68
N ASP A 267 2.38 -24.70 -16.99
CA ASP A 267 3.18 -25.68 -16.30
C ASP A 267 2.30 -26.79 -15.73
N ASP A 268 2.87 -27.60 -14.85
CA ASP A 268 2.11 -28.68 -14.25
C ASP A 268 2.46 -28.85 -12.78
N VAL A 269 3.03 -27.81 -12.19
CA VAL A 269 3.34 -27.80 -10.76
C VAL A 269 2.10 -28.20 -9.98
N LYS A 270 2.27 -28.98 -8.91
CA LYS A 270 1.12 -29.40 -8.09
C LYS A 270 1.02 -28.64 -6.76
N GLY A 271 2.14 -28.10 -6.29
CA GLY A 271 2.24 -27.52 -4.97
C GLY A 271 3.48 -26.65 -4.98
N VAL A 272 3.74 -25.92 -3.90
CA VAL A 272 4.96 -25.13 -3.78
C VAL A 272 5.44 -25.39 -2.37
N PHE A 273 6.75 -25.42 -2.16
CA PHE A 273 7.30 -25.77 -0.85
C PHE A 273 8.15 -24.64 -0.36
N PHE A 274 8.22 -24.49 0.95
CA PHE A 274 9.13 -23.51 1.53
C PHE A 274 9.99 -24.18 2.58
N ALA A 275 11.30 -23.98 2.48
CA ALA A 275 12.18 -24.54 3.49
C ALA A 275 13.13 -23.52 4.10
N TRP A 276 13.21 -23.55 5.41
CA TRP A 276 14.18 -22.75 6.13
C TRP A 276 15.19 -23.71 6.74
N ALA A 277 16.40 -23.66 6.20
CA ALA A 277 17.41 -24.64 6.56
C ALA A 277 18.65 -23.94 7.08
N GLN A 278 19.28 -24.55 8.08
CA GLN A 278 20.49 -23.98 8.69
C GLN A 278 21.69 -24.90 8.55
N LYS A 279 22.75 -24.40 7.90
CA LYS A 279 24.00 -25.13 7.77
C LYS A 279 24.61 -25.37 9.14
N VAL A 280 24.83 -26.64 9.46
CA VAL A 280 25.33 -27.00 10.77
C VAL A 280 26.63 -27.77 10.62
N PRO B 14 -25.76 40.28 13.48
CA PRO B 14 -25.77 41.09 12.27
C PRO B 14 -26.22 40.33 11.02
N ASP B 15 -25.58 40.63 9.89
CA ASP B 15 -26.00 40.13 8.58
C ASP B 15 -25.08 39.02 8.05
N SER B 16 -25.69 37.88 7.72
CA SER B 16 -24.92 36.75 7.22
C SER B 16 -24.69 36.85 5.71
N ALA B 17 -25.72 37.29 4.99
CA ALA B 17 -25.72 37.33 3.52
C ALA B 17 -24.46 37.87 2.84
N PRO B 18 -23.96 39.05 3.28
CA PRO B 18 -22.84 39.62 2.54
C PRO B 18 -21.61 38.72 2.58
N GLY B 19 -21.21 38.29 3.77
CA GLY B 19 -20.09 37.40 3.92
C GLY B 19 -20.28 36.13 3.11
N GLN B 20 -21.40 35.46 3.31
CA GLN B 20 -21.71 34.28 2.52
C GLN B 20 -21.61 34.52 1.02
N ALA B 21 -21.81 35.76 0.58
CA ALA B 21 -21.81 36.04 -0.84
C ALA B 21 -20.38 36.20 -1.34
N ALA B 22 -19.54 36.71 -0.44
CA ALA B 22 -18.14 36.93 -0.75
C ALA B 22 -17.49 35.58 -0.97
N VAL B 23 -17.78 34.65 -0.06
CA VAL B 23 -17.36 33.25 -0.14
C VAL B 23 -17.77 32.63 -1.48
N ALA B 24 -19.06 32.41 -1.67
CA ALA B 24 -19.59 31.92 -2.95
C ALA B 24 -18.94 32.54 -4.19
N SER B 25 -18.62 33.83 -4.13
CA SER B 25 -17.98 34.52 -5.24
C SER B 25 -16.55 34.00 -5.45
N ALA B 26 -15.78 33.96 -4.36
CA ALA B 26 -14.40 33.53 -4.42
C ALA B 26 -14.28 32.10 -4.97
N TYR B 27 -15.18 31.22 -4.54
CA TYR B 27 -15.13 29.81 -4.93
C TYR B 27 -15.43 29.53 -6.41
N GLN B 28 -15.95 30.54 -7.11
CA GLN B 28 -16.19 30.42 -8.54
C GLN B 28 -14.85 30.38 -9.27
N ARG B 29 -13.78 30.71 -8.55
CA ARG B 29 -12.44 30.64 -9.15
C ARG B 29 -11.62 29.43 -8.67
N PHE B 30 -12.21 28.60 -7.80
CA PHE B 30 -11.59 27.40 -7.25
C PHE B 30 -11.31 26.41 -8.38
N GLU B 31 -10.04 26.04 -8.58
CA GLU B 31 -9.61 25.02 -9.55
C GLU B 31 -9.21 23.70 -8.87
N PRO B 32 -10.06 22.67 -8.99
CA PRO B 32 -9.88 21.40 -8.26
C PRO B 32 -8.51 20.79 -8.48
N ARG B 33 -8.06 20.75 -9.72
CA ARG B 33 -6.73 20.20 -10.01
C ARG B 33 -5.64 20.91 -9.23
N ALA B 34 -5.66 22.22 -9.27
CA ALA B 34 -4.69 23.03 -8.55
C ALA B 34 -4.79 22.75 -7.07
N TYR B 35 -6.01 22.55 -6.59
CA TYR B 35 -6.23 22.22 -5.19
C TYR B 35 -5.63 20.85 -4.85
N LEU B 36 -5.95 19.86 -5.68
CA LEU B 36 -5.44 18.50 -5.58
C LEU B 36 -3.90 18.47 -5.55
N ARG B 37 -3.31 19.09 -6.55
CA ARG B 37 -1.86 19.23 -6.62
C ARG B 37 -1.27 19.89 -5.36
N ASN B 38 -1.90 20.97 -4.92
CA ASN B 38 -1.35 21.76 -3.81
C ASN B 38 -1.33 21.02 -2.49
N ASN B 39 -2.29 20.12 -2.29
CA ASN B 39 -2.49 19.49 -0.98
C ASN B 39 -2.33 17.98 -0.89
N TYR B 40 -2.50 17.30 -2.01
CA TYR B 40 -2.45 15.86 -1.99
C TYR B 40 -1.37 15.26 -2.90
N ALA B 41 -0.69 16.08 -3.70
CA ALA B 41 0.53 15.63 -4.36
C ALA B 41 1.66 15.92 -3.37
N PRO B 42 2.86 15.40 -3.60
CA PRO B 42 3.92 15.72 -2.64
C PRO B 42 4.29 17.18 -2.75
N PRO B 43 4.97 17.75 -1.75
CA PRO B 43 5.53 17.14 -0.53
C PRO B 43 4.47 16.80 0.51
N ARG B 44 3.36 17.54 0.51
CA ARG B 44 2.30 17.27 1.49
C ARG B 44 1.70 15.89 1.25
N GLY B 45 1.62 15.50 -0.02
CA GLY B 45 1.04 14.21 -0.38
C GLY B 45 1.96 13.01 -0.17
N ASP B 46 3.17 13.28 0.27
CA ASP B 46 4.12 12.20 0.48
C ASP B 46 3.77 11.41 1.71
N LEU B 47 3.32 10.18 1.51
CA LEU B 47 2.89 9.36 2.63
C LEU B 47 4.03 8.55 3.25
N CYS B 48 5.23 8.64 2.68
CA CYS B 48 6.31 7.78 3.14
C CYS B 48 6.79 8.22 4.51
N ASN B 49 6.94 9.53 4.69
CA ASN B 49 7.31 10.07 6.01
C ASN B 49 6.15 9.99 6.99
N PRO B 50 6.37 9.27 8.10
CA PRO B 50 5.28 9.02 9.05
C PRO B 50 4.96 10.30 9.83
N ASN B 51 5.89 11.24 9.82
CA ASN B 51 5.73 12.52 10.48
C ASN B 51 4.97 13.52 9.65
N GLY B 52 4.64 13.15 8.42
CA GLY B 52 3.91 14.02 7.53
C GLY B 52 2.46 14.16 7.95
N VAL B 53 1.77 15.11 7.31
CA VAL B 53 0.42 15.45 7.67
C VAL B 53 -0.49 14.36 7.15
N GLY B 54 -0.33 14.01 5.88
CA GLY B 54 -1.08 12.91 5.30
C GLY B 54 -1.14 11.69 6.21
N PRO B 55 0.01 11.16 6.62
CA PRO B 55 -0.04 9.97 7.48
C PRO B 55 -0.78 10.22 8.78
N TRP B 56 -0.56 11.39 9.39
CA TRP B 56 -1.24 11.78 10.64
C TRP B 56 -2.76 11.77 10.46
N LYS B 57 -3.23 12.41 9.40
CA LYS B 57 -4.68 12.42 9.14
C LYS B 57 -5.26 11.02 8.99
N LEU B 58 -4.61 10.18 8.18
CA LEU B 58 -5.13 8.83 7.89
C LEU B 58 -5.16 8.03 9.17
N ARG B 59 -4.11 8.21 9.95
CA ARG B 59 -3.99 7.54 11.22
C ARG B 59 -5.11 7.98 12.20
N CYS B 60 -5.47 9.26 12.19
CA CYS B 60 -6.53 9.72 13.08
C CYS B 60 -7.85 9.05 12.73
N LEU B 61 -8.15 9.02 11.44
CA LEU B 61 -9.37 8.35 11.02
C LEU B 61 -9.36 6.85 11.34
N ALA B 62 -8.25 6.18 10.99
CA ALA B 62 -8.17 4.74 11.11
C ALA B 62 -8.32 4.34 12.56
N GLN B 63 -7.53 4.98 13.42
CA GLN B 63 -7.60 4.66 14.85
C GLN B 63 -9.00 4.87 15.40
N THR B 64 -9.72 5.85 14.85
CA THR B 64 -10.99 6.23 15.43
C THR B 64 -11.99 5.15 15.12
N PHE B 65 -12.08 4.79 13.85
CA PHE B 65 -13.01 3.74 13.45
C PHE B 65 -12.65 2.40 14.08
N ALA B 66 -11.36 2.24 14.37
CA ALA B 66 -10.86 1.01 14.94
C ALA B 66 -11.43 0.73 16.33
N THR B 67 -11.95 1.75 17.00
CA THR B 67 -12.55 1.53 18.32
C THR B 67 -13.85 0.75 18.16
N GLY B 68 -14.35 0.73 16.93
CA GLY B 68 -15.65 0.13 16.62
C GLY B 68 -16.82 0.96 17.12
N GLU B 69 -16.53 2.05 17.82
CA GLU B 69 -17.58 2.90 18.37
C GLU B 69 -18.27 3.80 17.36
N VAL B 70 -17.69 3.94 16.18
CA VAL B 70 -18.31 4.74 15.15
C VAL B 70 -18.85 3.88 14.02
N SER B 71 -20.10 3.46 14.13
CA SER B 71 -20.72 2.64 13.08
C SER B 71 -22.21 2.96 12.83
N GLY B 72 -22.79 2.30 11.83
CA GLY B 72 -24.19 2.45 11.51
C GLY B 72 -24.48 2.18 10.05
N ARG B 73 -25.64 2.59 9.58
CA ARG B 73 -25.99 2.42 8.19
C ARG B 73 -25.46 3.55 7.31
N THR B 74 -25.75 4.79 7.68
CA THR B 74 -25.50 5.94 6.79
C THR B 74 -24.46 6.92 7.30
N LEU B 75 -23.80 7.59 6.37
CA LEU B 75 -22.78 8.54 6.73
C LEU B 75 -22.81 9.64 5.69
N ILE B 76 -22.57 10.88 6.13
CA ILE B 76 -22.48 11.99 5.18
C ILE B 76 -21.13 12.69 5.22
N ASP B 77 -20.58 12.94 4.06
CA ASP B 77 -19.34 13.68 4.00
C ASP B 77 -19.67 15.11 3.59
N ILE B 78 -19.31 16.04 4.46
CA ILE B 78 -19.64 17.47 4.34
C ILE B 78 -18.51 18.24 3.66
N GLY B 79 -18.79 18.79 2.48
CA GLY B 79 -17.77 19.49 1.73
C GLY B 79 -16.61 18.59 1.39
N SER B 80 -16.89 17.57 0.56
CA SER B 80 -15.92 16.61 0.08
C SER B 80 -14.88 17.26 -0.83
N GLY B 81 -15.30 18.18 -1.66
CA GLY B 81 -14.36 18.72 -2.59
C GLY B 81 -14.01 17.61 -3.55
N PRO B 82 -12.80 17.63 -4.09
CA PRO B 82 -12.44 16.59 -5.05
C PRO B 82 -11.69 15.41 -4.40
N THR B 83 -11.90 15.17 -3.10
CA THR B 83 -11.07 14.21 -2.37
C THR B 83 -11.87 13.11 -1.72
N VAL B 84 -11.23 11.95 -1.55
CA VAL B 84 -11.90 10.76 -1.02
C VAL B 84 -11.12 10.14 0.12
N TYR B 85 -9.86 10.49 0.26
CA TYR B 85 -9.04 9.94 1.32
C TYR B 85 -9.75 9.91 2.68
N GLN B 86 -10.66 10.86 2.91
CA GLN B 86 -11.33 10.99 4.22
C GLN B 86 -12.39 9.90 4.44
N LEU B 87 -12.54 9.05 3.44
CA LEU B 87 -13.54 8.01 3.53
C LEU B 87 -12.93 6.59 3.48
N LEU B 88 -11.62 6.49 3.33
CA LEU B 88 -10.97 5.19 3.19
C LEU B 88 -11.13 4.25 4.38
N SER B 89 -10.88 4.74 5.60
CA SER B 89 -11.09 3.94 6.80
C SER B 89 -12.55 3.88 7.19
N ALA B 90 -13.34 4.75 6.58
CA ALA B 90 -14.72 4.88 7.03
C ALA B 90 -15.61 3.88 6.35
N CYS B 91 -15.30 3.56 5.09
CA CYS B 91 -16.26 2.86 4.24
C CYS B 91 -16.46 1.41 4.62
N SER B 92 -15.55 0.85 5.41
CA SER B 92 -15.74 -0.48 5.95
C SER B 92 -16.84 -0.54 7.02
N HIS B 93 -17.31 0.62 7.48
CA HIS B 93 -18.29 0.67 8.57
C HIS B 93 -19.68 1.25 8.23
N PHE B 94 -19.88 1.73 7.01
CA PHE B 94 -21.18 2.29 6.59
C PHE B 94 -21.66 1.79 5.22
N GLU B 95 -22.83 1.15 5.18
CA GLU B 95 -23.43 0.71 3.92
C GLU B 95 -23.67 1.84 2.94
N ASP B 96 -24.13 2.98 3.45
CA ASP B 96 -24.58 4.08 2.60
C ASP B 96 -23.78 5.32 2.93
N ILE B 97 -23.11 5.84 1.92
CA ILE B 97 -22.30 7.02 2.11
C ILE B 97 -22.74 8.06 1.11
N THR B 98 -22.99 9.26 1.62
CA THR B 98 -23.30 10.38 0.75
C THR B 98 -22.11 11.29 0.72
N MET B 99 -21.74 11.75 -0.48
CA MET B 99 -20.70 12.77 -0.61
C MET B 99 -21.38 14.07 -1.01
N THR B 100 -20.71 15.19 -0.79
CA THR B 100 -21.34 16.48 -1.00
C THR B 100 -20.31 17.52 -1.35
N ASP B 101 -20.65 18.44 -2.24
CA ASP B 101 -19.87 19.66 -2.35
C ASP B 101 -20.68 20.79 -2.96
N PHE B 102 -20.24 22.00 -2.66
CA PHE B 102 -20.86 23.21 -3.13
C PHE B 102 -20.68 23.33 -4.63
N LEU B 103 -19.44 23.17 -5.07
CA LEU B 103 -19.06 23.38 -6.46
C LEU B 103 -19.33 22.16 -7.32
N GLU B 104 -19.86 22.37 -8.51
CA GLU B 104 -20.18 21.28 -9.41
C GLU B 104 -18.90 20.65 -9.92
N VAL B 105 -17.93 21.47 -10.26
CA VAL B 105 -16.69 20.98 -10.85
C VAL B 105 -15.97 20.01 -9.96
N ASN B 106 -16.16 20.15 -8.65
CA ASN B 106 -15.69 19.18 -7.68
C ASN B 106 -16.53 17.92 -7.76
N ARG B 107 -17.83 18.10 -7.80
CA ARG B 107 -18.71 16.96 -7.91
C ARG B 107 -18.35 16.10 -9.15
N GLN B 108 -18.00 16.78 -10.24
CA GLN B 108 -17.58 16.12 -11.48
C GLN B 108 -16.25 15.39 -11.28
N GLU B 109 -15.36 16.01 -10.54
CA GLU B 109 -14.06 15.43 -10.26
C GLU B 109 -14.20 14.11 -9.51
N LEU B 110 -15.08 14.08 -8.52
CA LEU B 110 -15.43 12.84 -7.84
C LEU B 110 -16.09 11.87 -8.84
N GLY B 111 -16.84 12.41 -9.78
CA GLY B 111 -17.50 11.60 -10.78
C GLY B 111 -16.46 10.81 -11.56
N ARG B 112 -15.37 11.47 -11.93
CA ARG B 112 -14.33 10.80 -12.70
C ARG B 112 -13.79 9.63 -11.89
N TRP B 113 -13.54 9.85 -10.62
CA TRP B 113 -12.95 8.79 -9.86
C TRP B 113 -13.91 7.63 -9.76
N LEU B 114 -15.20 7.94 -9.56
CA LEU B 114 -16.17 6.89 -9.40
C LEU B 114 -16.24 6.00 -10.66
N GLN B 115 -16.13 6.61 -11.83
CA GLN B 115 -16.21 5.88 -13.08
C GLN B 115 -14.87 5.20 -13.32
N GLU B 116 -13.95 5.41 -12.38
CA GLU B 116 -12.66 4.79 -12.48
C GLU B 116 -11.95 5.18 -13.75
N GLU B 117 -12.28 6.34 -14.28
CA GLU B 117 -11.62 6.85 -15.47
C GLU B 117 -10.15 7.06 -15.18
N PRO B 118 -9.30 7.03 -16.22
CA PRO B 118 -7.88 7.39 -16.12
C PRO B 118 -7.73 8.89 -15.88
N GLY B 119 -8.65 9.68 -16.43
CA GLY B 119 -8.62 11.12 -16.23
C GLY B 119 -8.62 11.48 -14.75
N ALA B 120 -9.17 10.58 -13.94
CA ALA B 120 -9.34 10.84 -12.52
C ALA B 120 -8.02 11.11 -11.80
N PHE B 121 -8.12 11.61 -10.58
CA PHE B 121 -6.96 11.84 -9.76
C PHE B 121 -6.66 10.49 -9.13
N ASN B 122 -5.39 10.19 -8.94
CA ASN B 122 -5.01 8.90 -8.42
C ASN B 122 -4.80 8.90 -6.92
N TRP B 123 -5.73 8.25 -6.21
CA TRP B 123 -5.66 8.15 -4.76
C TRP B 123 -4.97 6.86 -4.27
N SER B 124 -4.47 6.04 -5.20
CA SER B 124 -4.02 4.69 -4.86
C SER B 124 -2.98 4.65 -3.73
N MET B 125 -2.13 5.66 -3.67
CA MET B 125 -1.19 5.80 -2.55
C MET B 125 -1.89 5.98 -1.22
N TYR B 126 -2.98 6.73 -1.22
CA TYR B 126 -3.76 6.91 0.00
C TYR B 126 -4.47 5.62 0.38
N SER B 127 -5.09 4.96 -0.61
CA SER B 127 -5.73 3.65 -0.36
C SER B 127 -4.71 2.64 0.14
N GLN B 128 -3.57 2.57 -0.52
CA GLN B 128 -2.55 1.65 -0.07
C GLN B 128 -2.19 1.95 1.39
N HIS B 129 -1.90 3.21 1.69
CA HIS B 129 -1.46 3.56 3.04
C HIS B 129 -2.50 3.27 4.12
N ALA B 130 -3.77 3.46 3.78
CA ALA B 130 -4.82 3.19 4.76
C ALA B 130 -4.88 1.70 5.08
N CYS B 131 -4.92 0.89 4.02
CA CYS B 131 -4.85 -0.56 4.11
C CYS B 131 -3.68 -0.93 5.00
N LEU B 132 -2.56 -0.30 4.69
CA LEU B 132 -1.35 -0.50 5.47
C LEU B 132 -1.58 -0.25 6.96
N ILE B 133 -2.26 0.84 7.33
CA ILE B 133 -2.38 1.15 8.77
C ILE B 133 -3.58 0.50 9.45
N GLU B 134 -4.60 0.16 8.68
CA GLU B 134 -5.72 -0.54 9.27
C GLU B 134 -5.32 -1.95 9.69
N GLY B 135 -4.28 -2.49 9.07
CA GLY B 135 -3.65 -3.74 9.51
C GLY B 135 -4.46 -5.02 9.29
N LYS B 136 -5.18 -5.09 8.18
CA LYS B 136 -5.99 -6.26 7.89
C LYS B 136 -5.53 -6.91 6.59
N GLY B 137 -4.33 -6.54 6.16
CA GLY B 137 -3.80 -6.98 4.89
C GLY B 137 -4.70 -6.80 3.67
N GLU B 138 -5.69 -5.92 3.75
CA GLU B 138 -6.54 -5.61 2.60
C GLU B 138 -5.69 -5.06 1.45
N CYS B 139 -6.03 -5.39 0.22
CA CYS B 139 -5.30 -4.77 -0.85
C CYS B 139 -6.04 -3.50 -1.25
N TRP B 140 -5.30 -2.55 -1.80
CA TRP B 140 -5.89 -1.25 -2.02
C TRP B 140 -6.99 -1.25 -3.04
N GLN B 141 -6.91 -2.15 -4.00
CA GLN B 141 -7.94 -2.25 -5.03
C GLN B 141 -9.25 -2.71 -4.40
N ASP B 142 -9.15 -3.42 -3.29
CA ASP B 142 -10.37 -3.94 -2.69
C ASP B 142 -11.01 -2.80 -1.96
N LYS B 143 -10.16 -2.05 -1.25
CA LYS B 143 -10.56 -0.91 -0.48
C LYS B 143 -11.25 0.12 -1.38
N GLU B 144 -10.64 0.38 -2.55
CA GLU B 144 -11.17 1.37 -3.49
C GLU B 144 -12.49 0.92 -4.06
N ARG B 145 -12.57 -0.37 -4.34
CA ARG B 145 -13.74 -0.95 -5.00
C ARG B 145 -14.92 -0.88 -4.04
N GLN B 146 -14.64 -0.93 -2.74
CA GLN B 146 -15.66 -0.89 -1.71
C GLN B 146 -16.17 0.53 -1.55
N LEU B 147 -15.25 1.47 -1.46
CA LEU B 147 -15.63 2.85 -1.37
C LEU B 147 -16.56 3.21 -2.53
N ARG B 148 -16.15 2.91 -3.76
CA ARG B 148 -16.98 3.26 -4.92
C ARG B 148 -18.34 2.57 -4.83
N ALA B 149 -18.41 1.48 -4.08
CA ALA B 149 -19.63 0.69 -4.02
C ALA B 149 -20.59 1.36 -3.06
N ARG B 150 -19.99 1.89 -1.99
CA ARG B 150 -20.74 2.44 -0.88
C ARG B 150 -21.07 3.94 -0.99
N VAL B 151 -20.53 4.61 -2.00
CA VAL B 151 -20.90 6.00 -2.25
C VAL B 151 -22.19 6.04 -3.06
N LYS B 152 -23.32 6.27 -2.38
CA LYS B 152 -24.63 6.13 -3.02
C LYS B 152 -25.11 7.36 -3.78
N ARG B 153 -24.42 8.49 -3.60
CA ARG B 153 -24.80 9.74 -4.26
C ARG B 153 -23.79 10.84 -4.00
N VAL B 154 -23.74 11.79 -4.92
CA VAL B 154 -22.91 12.99 -4.74
C VAL B 154 -23.79 14.25 -4.86
N LEU B 155 -24.00 14.93 -3.74
CA LEU B 155 -25.03 15.98 -3.65
C LEU B 155 -24.47 17.38 -3.48
N PRO B 156 -25.18 18.38 -4.02
CA PRO B 156 -24.79 19.77 -3.77
C PRO B 156 -25.05 20.10 -2.31
N ILE B 157 -24.24 20.97 -1.73
CA ILE B 157 -24.39 21.30 -0.33
C ILE B 157 -23.98 22.73 -0.08
N ASP B 158 -24.66 23.35 0.88
CA ASP B 158 -24.31 24.70 1.34
C ASP B 158 -24.49 24.68 2.85
N VAL B 159 -23.40 24.83 3.59
CA VAL B 159 -23.46 24.71 5.04
C VAL B 159 -24.09 25.93 5.71
N HIS B 160 -24.23 27.00 4.92
CA HIS B 160 -24.75 28.25 5.44
C HIS B 160 -26.27 28.27 5.50
N GLN B 161 -26.92 27.53 4.61
CA GLN B 161 -28.35 27.26 4.73
C GLN B 161 -28.61 26.47 6.01
N PRO B 162 -29.81 26.60 6.57
CA PRO B 162 -30.27 25.87 7.76
C PRO B 162 -30.60 24.42 7.44
N GLN B 163 -30.88 24.18 6.17
CA GLN B 163 -30.97 22.84 5.63
C GLN B 163 -29.92 22.78 4.54
N PRO B 164 -28.70 22.36 4.92
CA PRO B 164 -27.53 22.46 4.03
C PRO B 164 -27.67 21.64 2.74
N LEU B 165 -28.58 20.67 2.73
CA LEU B 165 -28.80 19.78 1.60
C LEU B 165 -29.97 20.16 0.71
N GLY B 166 -30.75 21.15 1.13
CA GLY B 166 -32.02 21.45 0.49
C GLY B 166 -33.12 20.78 1.28
N ALA B 167 -34.36 20.97 0.85
CA ALA B 167 -35.48 20.35 1.53
C ALA B 167 -35.94 19.17 0.68
N GLY B 168 -36.37 18.12 1.38
CA GLY B 168 -36.77 16.88 0.75
C GLY B 168 -35.64 16.27 -0.07
N SER B 169 -34.41 16.48 0.39
CA SER B 169 -33.23 16.04 -0.34
C SER B 169 -33.09 14.55 -0.19
N PRO B 170 -32.33 13.95 -1.10
CA PRO B 170 -32.11 12.50 -1.25
C PRO B 170 -31.58 11.84 0.01
N ALA B 171 -30.52 12.43 0.56
CA ALA B 171 -29.80 11.82 1.66
C ALA B 171 -30.75 11.19 2.67
N PRO B 172 -30.48 9.94 3.03
CA PRO B 172 -31.25 9.40 4.13
C PRO B 172 -30.89 10.21 5.35
N LEU B 173 -31.86 10.94 5.92
CA LEU B 173 -31.62 11.67 7.15
C LEU B 173 -32.51 11.11 8.24
N PRO B 174 -32.05 11.23 9.50
CA PRO B 174 -30.72 11.77 9.83
C PRO B 174 -29.64 10.72 9.69
N ALA B 175 -28.42 11.16 9.39
CA ALA B 175 -27.30 10.26 9.21
C ALA B 175 -26.78 9.73 10.54
N ASP B 176 -26.20 8.53 10.52
CA ASP B 176 -25.61 7.94 11.72
C ASP B 176 -24.29 8.58 12.09
N ALA B 177 -23.64 9.20 11.10
CA ALA B 177 -22.40 9.92 11.37
C ALA B 177 -22.05 10.93 10.28
N LEU B 178 -21.20 11.90 10.61
CA LEU B 178 -20.80 12.91 9.65
C LEU B 178 -19.30 12.99 9.63
N VAL B 179 -18.75 13.22 8.44
CA VAL B 179 -17.32 13.47 8.26
C VAL B 179 -17.17 14.80 7.52
N SER B 180 -16.23 15.63 7.94
CA SER B 180 -15.97 16.87 7.20
C SER B 180 -14.54 17.31 7.35
N ALA B 181 -13.86 17.55 6.25
CA ALA B 181 -12.46 17.93 6.39
C ALA B 181 -12.14 19.20 5.63
N PHE B 182 -11.56 20.18 6.34
CA PHE B 182 -11.18 21.44 5.74
C PHE B 182 -12.35 22.07 4.99
N CYS B 183 -13.56 21.89 5.53
CA CYS B 183 -14.72 22.56 4.95
C CYS B 183 -15.14 23.85 5.66
N LEU B 184 -15.62 23.73 6.89
CA LEU B 184 -16.20 24.86 7.63
C LEU B 184 -15.33 26.11 7.67
N GLU B 185 -14.14 26.00 8.27
CA GLU B 185 -13.28 27.16 8.35
C GLU B 185 -12.88 27.73 7.00
N ALA B 186 -13.10 26.97 5.93
CA ALA B 186 -12.65 27.41 4.61
C ALA B 186 -13.76 28.11 3.82
N VAL B 187 -14.97 28.07 4.37
CA VAL B 187 -16.11 28.78 3.80
C VAL B 187 -16.81 29.73 4.80
N SER B 188 -16.18 29.95 5.95
CA SER B 188 -16.73 30.81 6.97
C SER B 188 -15.87 32.05 7.17
N PRO B 189 -16.46 33.24 6.96
CA PRO B 189 -15.71 34.50 7.05
C PRO B 189 -15.29 34.79 8.47
N ASP B 190 -16.08 34.38 9.45
CA ASP B 190 -15.75 34.62 10.87
C ASP B 190 -16.30 33.55 11.79
N LEU B 191 -15.79 33.55 13.02
CA LEU B 191 -16.13 32.51 13.99
C LEU B 191 -17.63 32.26 14.14
N ALA B 192 -18.43 33.32 14.05
CA ALA B 192 -19.87 33.21 14.27
C ALA B 192 -20.51 32.46 13.11
N SER B 193 -19.97 32.71 11.92
CA SER B 193 -20.43 32.06 10.71
C SER B 193 -20.11 30.56 10.78
N PHE B 194 -18.86 30.29 11.14
CA PHE B 194 -18.36 28.96 11.41
C PHE B 194 -19.31 28.21 12.35
N GLN B 195 -19.55 28.81 13.51
CA GLN B 195 -20.47 28.24 14.48
C GLN B 195 -21.84 27.94 13.88
N ARG B 196 -22.36 28.86 13.08
CA ARG B 196 -23.67 28.65 12.51
C ARG B 196 -23.63 27.48 11.55
N ALA B 197 -22.61 27.46 10.69
CA ALA B 197 -22.41 26.35 9.77
C ALA B 197 -22.32 25.03 10.54
N LEU B 198 -21.58 25.04 11.64
CA LEU B 198 -21.52 23.87 12.47
C LEU B 198 -22.91 23.45 12.96
N ASP B 199 -23.75 24.40 13.34
CA ASP B 199 -25.09 24.06 13.85
C ASP B 199 -25.96 23.50 12.73
N HIS B 200 -25.84 24.08 11.54
CA HIS B 200 -26.63 23.64 10.38
C HIS B 200 -26.38 22.19 9.97
N ILE B 201 -25.11 21.80 9.83
CA ILE B 201 -24.77 20.41 9.49
C ILE B 201 -25.16 19.45 10.62
N THR B 202 -25.10 19.94 11.86
CA THR B 202 -25.45 19.11 12.99
C THR B 202 -26.89 18.66 13.00
N THR B 203 -27.73 19.31 12.20
CA THR B 203 -29.13 18.90 12.11
C THR B 203 -29.26 17.62 11.30
N LEU B 204 -28.20 17.30 10.55
CA LEU B 204 -28.21 16.13 9.69
C LEU B 204 -27.76 14.89 10.46
N LEU B 205 -27.20 15.09 11.65
CA LEU B 205 -26.71 13.98 12.46
C LEU B 205 -27.75 13.56 13.49
N ARG B 206 -28.07 12.27 13.58
CA ARG B 206 -29.01 11.81 14.59
C ARG B 206 -28.37 12.03 15.94
N PRO B 207 -29.19 12.07 17.00
CA PRO B 207 -28.65 12.23 18.37
C PRO B 207 -27.98 10.93 18.79
N GLY B 208 -26.81 11.03 19.41
CA GLY B 208 -26.02 9.87 19.71
C GLY B 208 -25.06 9.51 18.58
N GLY B 209 -25.18 10.22 17.46
CA GLY B 209 -24.31 10.02 16.31
C GLY B 209 -22.96 10.67 16.52
N HIS B 210 -22.02 10.43 15.61
CA HIS B 210 -20.65 10.94 15.76
C HIS B 210 -20.25 11.84 14.62
N LEU B 211 -19.45 12.84 14.94
CA LEU B 211 -18.91 13.73 13.92
C LEU B 211 -17.40 13.65 14.00
N LEU B 212 -16.78 13.42 12.84
CA LEU B 212 -15.32 13.47 12.75
C LEU B 212 -14.97 14.71 11.96
N LEU B 213 -14.22 15.60 12.60
CA LEU B 213 -13.98 16.87 11.98
C LEU B 213 -12.50 17.13 11.93
N ILE B 214 -12.06 17.56 10.76
CA ILE B 214 -10.67 17.87 10.49
C ILE B 214 -10.63 19.25 9.83
N GLY B 215 -9.66 20.08 10.20
CA GLY B 215 -9.47 21.29 9.43
C GLY B 215 -8.22 22.03 9.82
N ALA B 216 -7.96 23.16 9.15
CA ALA B 216 -6.80 24.02 9.41
C ALA B 216 -6.85 24.80 10.73
N LEU B 217 -5.70 24.93 11.37
CA LEU B 217 -5.58 25.71 12.59
C LEU B 217 -4.80 26.98 12.26
N GLU B 218 -5.34 28.13 12.67
CA GLU B 218 -4.72 29.44 12.46
C GLU B 218 -4.42 29.73 11.01
N GLU B 219 -5.35 29.40 10.13
CA GLU B 219 -5.19 29.67 8.71
C GLU B 219 -6.10 30.80 8.26
N SER B 220 -5.57 31.67 7.40
CA SER B 220 -6.34 32.80 6.92
C SER B 220 -6.51 32.84 5.38
N TRP B 221 -5.67 32.09 4.67
CA TRP B 221 -5.81 31.96 3.22
C TRP B 221 -5.21 30.65 2.68
N TYR B 222 -5.64 30.26 1.49
CA TYR B 222 -5.02 29.14 0.78
C TYR B 222 -5.30 29.32 -0.69
N LEU B 223 -4.44 28.75 -1.52
CA LEU B 223 -4.56 28.86 -2.98
C LEU B 223 -5.24 27.64 -3.61
N ALA B 224 -6.04 27.90 -4.64
CA ALA B 224 -6.68 26.84 -5.42
C ALA B 224 -6.64 27.23 -6.89
N GLY B 225 -5.44 27.58 -7.36
CA GLY B 225 -5.21 28.02 -8.73
C GLY B 225 -5.12 29.54 -8.80
N GLU B 226 -6.06 30.14 -9.54
CA GLU B 226 -6.18 31.60 -9.55
C GLU B 226 -6.68 32.05 -8.18
N ALA B 227 -7.72 31.36 -7.76
CA ALA B 227 -8.41 31.60 -6.50
C ALA B 227 -7.47 31.59 -5.30
N ARG B 228 -7.24 32.76 -4.72
CA ARG B 228 -6.69 32.88 -3.37
C ARG B 228 -7.83 33.16 -2.37
N LEU B 229 -8.23 32.14 -1.61
CA LEU B 229 -9.44 32.20 -0.81
C LEU B 229 -9.19 32.63 0.62
N THR B 230 -10.24 33.10 1.28
CA THR B 230 -10.08 33.61 2.63
C THR B 230 -10.67 32.64 3.63
N VAL B 231 -9.95 32.45 4.73
CA VAL B 231 -10.29 31.44 5.71
C VAL B 231 -10.29 32.15 7.06
N VAL B 232 -11.24 31.78 7.92
CA VAL B 232 -11.23 32.24 9.30
C VAL B 232 -10.20 31.46 10.11
N PRO B 233 -9.16 32.15 10.60
CA PRO B 233 -8.20 31.45 11.46
C PRO B 233 -8.93 30.98 12.69
N VAL B 234 -8.76 29.73 13.11
CA VAL B 234 -9.37 29.24 14.35
C VAL B 234 -8.31 28.51 15.16
N SER B 235 -8.61 28.25 16.43
CA SER B 235 -7.66 27.65 17.32
C SER B 235 -8.27 26.33 17.81
N GLU B 236 -7.51 25.55 18.56
CA GLU B 236 -8.05 24.30 19.08
C GLU B 236 -9.26 24.64 19.95
N GLU B 237 -9.07 25.62 20.85
CA GLU B 237 -10.08 25.97 21.83
C GLU B 237 -11.36 26.54 21.21
N GLU B 238 -11.21 27.40 20.21
CA GLU B 238 -12.37 27.86 19.45
C GLU B 238 -13.15 26.69 18.87
N VAL B 239 -12.43 25.76 18.22
CA VAL B 239 -13.05 24.54 17.68
C VAL B 239 -13.69 23.73 18.80
N ARG B 240 -13.01 23.60 19.94
CA ARG B 240 -13.61 22.85 21.05
C ARG B 240 -14.95 23.44 21.45
N GLU B 241 -14.95 24.76 21.67
CA GLU B 241 -16.11 25.47 22.17
C GLU B 241 -17.29 25.38 21.21
N ALA B 242 -17.04 25.57 19.92
CA ALA B 242 -18.12 25.46 18.94
C ALA B 242 -18.80 24.10 19.00
N LEU B 243 -18.03 23.06 19.27
CA LEU B 243 -18.58 21.71 19.31
C LEU B 243 -19.49 21.60 20.51
N VAL B 244 -19.01 22.07 21.65
CA VAL B 244 -19.81 22.08 22.87
C VAL B 244 -21.09 22.88 22.66
N ARG B 245 -20.93 24.04 22.03
CA ARG B 245 -22.04 24.92 21.74
C ARG B 245 -23.09 24.25 20.87
N SER B 246 -22.67 23.39 19.96
CA SER B 246 -23.64 22.81 19.03
C SER B 246 -24.25 21.56 19.60
N GLY B 247 -23.75 21.15 20.76
CA GLY B 247 -24.35 20.03 21.47
C GLY B 247 -23.64 18.69 21.33
N TYR B 248 -22.32 18.72 21.46
CA TYR B 248 -21.50 17.55 21.25
C TYR B 248 -20.69 17.31 22.50
N LYS B 249 -20.62 16.07 22.94
CA LYS B 249 -19.50 15.66 23.78
C LYS B 249 -18.25 15.48 22.88
N VAL B 250 -17.13 16.04 23.33
CA VAL B 250 -15.90 15.91 22.57
C VAL B 250 -15.14 14.70 23.10
N ARG B 251 -15.09 13.66 22.29
CA ARG B 251 -14.42 12.42 22.66
C ARG B 251 -12.91 12.50 22.46
N ASP B 252 -12.49 13.28 21.47
CA ASP B 252 -11.08 13.38 21.18
C ASP B 252 -10.82 14.59 20.32
N LEU B 253 -9.77 15.33 20.68
CA LEU B 253 -9.34 16.47 19.88
C LEU B 253 -7.81 16.58 19.89
N ARG B 254 -7.20 16.36 18.74
CA ARG B 254 -5.75 16.34 18.69
C ARG B 254 -5.27 17.26 17.60
N THR B 255 -4.04 17.74 17.73
CA THR B 255 -3.48 18.80 16.92
C THR B 255 -2.17 18.37 16.31
N TYR B 256 -1.99 18.74 15.06
CA TYR B 256 -0.78 18.46 14.33
C TYR B 256 -0.13 19.79 13.97
N ILE B 257 1.11 19.99 14.38
CA ILE B 257 1.79 21.24 14.05
C ILE B 257 2.52 21.15 12.73
N MET B 258 2.10 21.95 11.77
CA MET B 258 2.69 21.87 10.45
C MET B 258 4.20 22.12 10.50
N PRO B 259 5.00 21.15 9.98
CA PRO B 259 6.46 21.29 9.92
C PRO B 259 6.88 22.36 8.93
N ALA B 260 7.98 23.03 9.25
CA ALA B 260 8.45 24.12 8.42
C ALA B 260 8.39 23.72 6.96
N HIS B 261 8.93 22.54 6.67
CA HIS B 261 9.12 22.12 5.29
C HIS B 261 7.83 21.70 4.59
N LEU B 262 6.73 21.60 5.33
CA LEU B 262 5.43 21.40 4.71
C LEU B 262 4.67 22.72 4.54
N GLN B 263 5.24 23.82 5.03
CA GLN B 263 4.67 25.14 4.84
C GLN B 263 5.19 25.76 3.54
N THR B 264 4.44 25.51 2.46
CA THR B 264 4.93 25.68 1.09
C THR B 264 4.38 26.88 0.32
N GLY B 265 3.59 27.72 0.96
CA GLY B 265 3.12 28.91 0.27
C GLY B 265 1.85 28.67 -0.50
N VAL B 266 1.28 27.47 -0.37
CA VAL B 266 -0.06 27.21 -0.89
C VAL B 266 -1.11 27.70 0.14
N ASP B 267 -0.64 27.98 1.35
CA ASP B 267 -1.49 28.54 2.40
C ASP B 267 -0.64 29.03 3.58
N ASP B 268 -1.29 29.44 4.65
CA ASP B 268 -0.53 29.90 5.81
C ASP B 268 -0.95 29.12 7.04
N VAL B 269 -1.53 27.94 6.81
CA VAL B 269 -1.92 27.03 7.88
C VAL B 269 -0.75 26.81 8.83
N LYS B 270 -1.02 26.68 10.12
CA LYS B 270 0.05 26.52 11.11
C LYS B 270 -0.09 25.18 11.79
N GLY B 271 -1.23 24.52 11.57
CA GLY B 271 -1.50 23.26 12.23
C GLY B 271 -2.75 22.64 11.64
N VAL B 272 -3.15 21.49 12.15
CA VAL B 272 -4.33 20.77 11.66
C VAL B 272 -4.95 20.13 12.88
N PHE B 273 -6.27 20.13 12.96
CA PHE B 273 -6.94 19.61 14.13
C PHE B 273 -7.82 18.48 13.70
N PHE B 274 -7.95 17.50 14.59
CA PHE B 274 -8.84 16.40 14.36
C PHE B 274 -9.74 16.23 15.55
N ALA B 275 -11.03 16.20 15.27
CA ALA B 275 -12.02 16.16 16.33
C ALA B 275 -12.96 14.97 16.17
N TRP B 276 -13.03 14.15 17.21
CA TRP B 276 -14.07 13.15 17.32
C TRP B 276 -15.10 13.65 18.35
N ALA B 277 -16.32 13.89 17.87
CA ALA B 277 -17.38 14.47 18.69
C ALA B 277 -18.67 13.71 18.47
N GLN B 278 -19.36 13.41 19.56
CA GLN B 278 -20.59 12.65 19.51
C GLN B 278 -21.75 13.57 19.89
N LYS B 279 -22.79 13.60 19.06
CA LYS B 279 -23.92 14.51 19.33
C LYS B 279 -24.81 14.04 20.47
N VAL B 280 -24.95 14.88 21.49
CA VAL B 280 -25.76 14.56 22.65
C VAL B 280 -27.22 14.26 22.29
N GLY B 281 -27.71 13.12 22.78
CA GLY B 281 -29.07 12.70 22.51
C GLY B 281 -29.61 11.66 23.48
N SAH C . 13.87 -17.26 -8.88
CA SAH C . 12.96 -16.72 -9.87
CB SAH C . 13.16 -17.34 -11.25
CG SAH C . 13.44 -18.86 -11.23
SD SAH C . 13.27 -19.65 -12.86
C SAH C . 11.55 -16.98 -9.39
O SAH C . 10.70 -17.01 -10.21
OXT SAH C . 11.43 -17.24 -8.02
C5' SAH C . 14.79 -20.66 -12.93
C4' SAH C . 16.07 -19.90 -13.23
O4' SAH C . 17.09 -20.83 -13.24
C3' SAH C . 16.12 -19.25 -14.62
O3' SAH C . 16.25 -17.85 -14.46
C2' SAH C . 17.22 -19.81 -15.21
O2' SAH C . 17.96 -18.98 -16.08
C1' SAH C . 18.01 -20.31 -14.12
N9 SAH C . 19.05 -21.25 -14.50
C8 SAH C . 19.11 -22.00 -15.61
N7 SAH C . 20.26 -22.74 -15.56
C5 SAH C . 20.92 -22.44 -14.39
C6 SAH C . 22.08 -22.89 -13.86
N6 SAH C . 22.86 -23.89 -14.60
N1 SAH C . 22.51 -22.44 -12.69
C2 SAH C . 21.77 -21.52 -12.02
N3 SAH C . 20.60 -21.07 -12.55
C4 SAH C . 20.19 -21.54 -13.73
C1 172 D . 4.26 -20.62 -8.95
C2 172 D . 4.73 -21.64 -9.78
C3 172 D . 5.99 -21.53 -10.37
C4 172 D . 6.78 -20.41 -10.15
C5 172 D . 6.32 -19.40 -9.31
C6 172 D . 5.05 -19.49 -8.72
N10 172 D . 6.64 -22.36 -11.18
C11 172 D . 7.83 -21.81 -11.49
N12 172 D . 7.92 -20.61 -10.85
N14 172 D . 8.75 -22.43 -12.23
O17 172 D . 3.06 -20.83 -8.34
N SAH E . -12.94 17.83 1.90
CA SAH E . -11.83 18.03 1.00
CB SAH E . -11.94 19.36 0.25
CG SAH E . -11.90 20.56 1.21
SD SAH E . -11.72 22.15 0.34
C SAH E . -10.50 17.95 1.74
O SAH E . -10.46 17.19 2.67
OXT SAH E . -9.41 18.53 1.09
C5' SAH E . -13.24 23.02 0.86
C4' SAH E . -14.50 22.84 0.01
O4' SAH E . -15.55 23.55 0.56
C3' SAH E . -14.52 23.24 -1.45
O3' SAH E . -14.63 22.04 -2.16
C2' SAH E . -15.68 23.98 -1.59
O2' SAH E . -16.38 23.74 -2.79
C1' SAH E . -16.46 23.62 -0.46
N9 SAH E . -17.48 24.64 -0.20
C8 SAH E . -17.41 25.90 -0.64
N7 SAH E . -18.55 26.55 -0.20
C5 SAH E . -19.30 25.68 0.52
C6 SAH E . -20.51 25.82 1.16
N6 SAH E . -21.18 27.11 1.16
N1 SAH E . -21.04 24.77 1.80
C2 SAH E . -20.40 23.59 1.82
N3 SAH E . -19.21 23.45 1.18
C4 SAH E . -18.66 24.50 0.52
C1 172 F . -3.03 20.25 4.94
C2 172 F . -3.56 21.53 4.91
C3 172 F . -4.72 21.80 4.19
C4 172 F . -5.34 20.77 3.50
C5 172 F . -4.80 19.48 3.55
C6 172 F . -3.63 19.20 4.28
N10 172 F . -5.41 22.93 4.00
C11 172 F . -6.46 22.64 3.21
N12 172 F . -6.41 21.32 2.91
N14 172 F . -7.35 23.54 2.79
O17 172 F . -1.91 20.05 5.67
#